data_7C4C
#
_entry.id   7C4C
#
_cell.length_a   57.169
_cell.length_b   75.001
_cell.length_c   101.409
_cell.angle_alpha   90.000
_cell.angle_beta   90.000
_cell.angle_gamma   90.000
#
_symmetry.space_group_name_H-M   'P 21 21 21'
#
loop_
_entity.id
_entity.type
_entity.pdbx_description
1 polymer 'CCHC-type domain-containing protein'
2 non-polymer 'ZINC ION'
3 non-polymer 'MANGANESE (II) ION'
4 non-polymer "GUANOSINE-5'-MONOPHOSPHATE"
5 water water
#
_entity_poly.entity_id   1
_entity_poly.type   'polypeptide(L)'
_entity_poly.pdbx_seq_one_letter_code
;TSSATSSSS(MSE)ILKYPYRVVDTHEKLKEAVTSLQGARSIALDIEAFCTTDQAKQLGRISLVQACSDAKPVVFLFDVL
TLTPDVFVKD(MSE)QSLLSDREIRKLFFDCRRDVEALSCQLGVKPEGVLDLQVFFTAIQWKLRSVNRRSG(MSE)GYVL
KSVAGLTRQEGDSAVQTA(MSE)TLGNRPVWDIRPLPDHFLEYAAGDVRHILLLSNYLVGNKDVPVDVVAVERLTAQYVE
HYAVGKPVITEADATPAEVNRAWLERYIGPGGGCHFCGAKGHTEAECFKKQNGKAKCSFCGEVGHTARNCFKKHPQLLTC
EKCGQLGHTGTSCFRTNPCKHCGGPHSSANCHKVIWQQKRLGENSLH
;
_entity_poly.pdbx_strand_id   A
#
loop_
_chem_comp.id
_chem_comp.type
_chem_comp.name
_chem_comp.formula
5GP non-polymer GUANOSINE-5'-MONOPHOSPHATE 'C10 H14 N5 O8 P'
MN non-polymer 'MANGANESE (II) ION' 'Mn 2'
ZN non-polymer 'ZINC ION' 'Zn 2'
#
# COMPACT_ATOMS: atom_id res chain seq x y z
N SER A 8 -6.74 -2.37 14.65
CA SER A 8 -6.57 -1.36 13.63
C SER A 8 -5.13 -0.92 13.56
N SER A 9 -4.87 0.37 13.73
CA SER A 9 -3.48 0.87 13.80
C SER A 9 -2.81 0.54 15.13
N MSE A 10 -3.40 -0.32 15.94
CA MSE A 10 -2.75 -0.83 17.13
C MSE A 10 -1.61 -1.79 16.81
O MSE A 10 -0.74 -2.04 17.63
CB MSE A 10 -3.77 -1.54 18.02
CG MSE A 10 -3.37 -1.56 19.48
SE MSE A 10 -3.69 0.16 20.35
CE MSE A 10 -2.11 1.18 19.82
N ILE A 11 -1.64 -2.34 15.59
CA ILE A 11 -0.63 -3.30 15.14
C ILE A 11 0.76 -2.69 15.19
N LEU A 12 0.87 -1.41 14.86
CA LEU A 12 2.16 -0.73 14.86
C LEU A 12 2.81 -0.72 16.23
N LYS A 13 2.05 -1.00 17.28
CA LYS A 13 2.60 -0.97 18.63
C LYS A 13 2.85 -2.37 19.18
N TYR A 14 2.83 -3.40 18.35
CA TYR A 14 3.13 -4.75 18.82
C TYR A 14 4.60 -4.84 19.18
N PRO A 15 4.94 -5.24 20.40
CA PRO A 15 6.36 -5.45 20.74
C PRO A 15 6.90 -6.65 19.98
N TYR A 16 8.22 -6.66 19.77
CA TYR A 16 8.82 -7.84 19.18
C TYR A 16 9.31 -8.77 20.27
N ARG A 17 9.52 -10.03 19.90
CA ARG A 17 10.03 -11.03 20.82
C ARG A 17 11.04 -11.90 20.08
N VAL A 18 12.29 -11.90 20.52
CA VAL A 18 13.30 -12.72 19.87
C VAL A 18 13.09 -14.17 20.24
N VAL A 19 12.94 -15.03 19.25
CA VAL A 19 12.79 -16.46 19.43
C VAL A 19 14.09 -17.11 18.99
N ASP A 20 14.95 -17.46 19.96
CA ASP A 20 16.28 -17.99 19.69
C ASP A 20 16.61 -19.24 20.50
N THR A 21 15.63 -19.87 21.12
CA THR A 21 15.84 -21.12 21.84
C THR A 21 14.66 -22.03 21.57
N HIS A 22 14.90 -23.32 21.73
CA HIS A 22 13.86 -24.31 21.47
C HIS A 22 12.63 -24.09 22.35
N GLU A 23 12.84 -23.75 23.63
CA GLU A 23 11.71 -23.43 24.51
C GLU A 23 10.88 -22.31 23.93
N LYS A 24 11.52 -21.18 23.64
CA LYS A 24 10.83 -20.03 23.08
C LYS A 24 10.21 -20.36 21.74
N LEU A 25 10.85 -21.23 20.96
CA LEU A 25 10.27 -21.62 19.68
C LEU A 25 8.96 -22.37 19.88
N LYS A 26 8.94 -23.34 20.81
CA LYS A 26 7.69 -24.07 21.03
C LYS A 26 6.58 -23.15 21.51
N GLU A 27 6.90 -22.20 22.39
CA GLU A 27 5.89 -21.26 22.84
C GLU A 27 5.37 -20.42 21.68
N ALA A 28 6.25 -19.97 20.80
CA ALA A 28 5.82 -19.17 19.65
C ALA A 28 4.84 -19.95 18.77
N VAL A 29 5.18 -21.21 18.47
CA VAL A 29 4.36 -22.03 17.59
C VAL A 29 2.95 -22.19 18.16
N THR A 30 2.85 -22.41 19.48
CA THR A 30 1.54 -22.51 20.10
C THR A 30 0.68 -21.30 19.73
N SER A 31 1.16 -20.10 20.05
CA SER A 31 0.43 -18.89 19.70
C SER A 31 0.04 -18.88 18.23
N LEU A 32 1.02 -19.00 17.33
CA LEU A 32 0.73 -18.89 15.90
C LEU A 32 -0.30 -19.90 15.41
N GLN A 33 -0.42 -21.06 16.07
CA GLN A 33 -1.28 -22.11 15.51
C GLN A 33 -2.76 -21.77 15.60
N GLY A 34 -3.16 -20.88 16.50
CA GLY A 34 -4.54 -20.44 16.48
C GLY A 34 -4.83 -19.33 15.50
N ALA A 35 -3.81 -18.88 14.76
CA ALA A 35 -3.98 -17.73 13.90
C ALA A 35 -4.84 -18.07 12.69
N ARG A 36 -5.50 -17.05 12.14
CA ARG A 36 -6.14 -17.17 10.83
C ARG A 36 -5.29 -16.55 9.74
N SER A 37 -4.49 -15.54 10.06
CA SER A 37 -3.53 -14.95 9.16
C SER A 37 -2.21 -14.68 9.88
N ILE A 38 -1.10 -14.92 9.19
CA ILE A 38 0.22 -14.65 9.72
C ILE A 38 0.98 -13.87 8.66
N ALA A 39 1.38 -12.64 8.99
CA ALA A 39 2.29 -11.91 8.13
C ALA A 39 3.68 -12.50 8.26
N LEU A 40 4.40 -12.58 7.15
CA LEU A 40 5.72 -13.19 7.13
C LEU A 40 6.69 -12.32 6.36
N ASP A 41 7.96 -12.37 6.78
CA ASP A 41 9.04 -11.69 6.08
C ASP A 41 10.37 -12.33 6.52
N ILE A 42 11.41 -12.09 5.74
CA ILE A 42 12.71 -12.73 5.93
C ILE A 42 13.81 -11.67 5.85
N GLU A 43 14.76 -11.73 6.77
CA GLU A 43 15.99 -10.98 6.66
C GLU A 43 17.14 -11.97 6.47
N ALA A 44 18.01 -11.70 5.48
CA ALA A 44 19.09 -12.62 5.11
C ALA A 44 20.39 -11.86 4.90
N PHE A 45 21.51 -12.59 4.92
CA PHE A 45 22.82 -12.00 4.64
C PHE A 45 22.81 -11.38 3.25
N CYS A 46 23.43 -10.21 3.13
CA CYS A 46 23.56 -9.57 1.83
C CYS A 46 24.65 -10.29 1.02
N THR A 47 24.45 -10.36 -0.27
CA THR A 47 25.36 -11.03 -1.12
C THR A 47 26.26 -10.07 -1.86
N THR A 48 27.53 -10.42 -1.94
CA THR A 48 28.58 -9.68 -2.64
C THR A 48 28.36 -9.66 -4.12
N ASP A 49 27.84 -10.77 -4.61
CA ASP A 49 27.66 -10.99 -6.02
C ASP A 49 26.46 -10.36 -6.65
N GLN A 50 26.22 -10.80 -7.88
CA GLN A 50 25.12 -10.37 -8.69
C GLN A 50 23.98 -11.37 -8.78
N ALA A 51 23.99 -12.39 -7.95
CA ALA A 51 22.91 -13.36 -7.95
C ALA A 51 21.67 -12.73 -7.36
N LYS A 52 20.49 -13.12 -7.83
CA LYS A 52 19.26 -12.56 -7.30
C LYS A 52 18.79 -13.25 -6.03
N GLN A 53 19.35 -14.38 -5.75
CA GLN A 53 18.99 -15.20 -4.60
C GLN A 53 19.29 -14.48 -3.29
N LEU A 54 18.36 -14.56 -2.34
CA LEU A 54 18.68 -14.13 -0.98
C LEU A 54 19.89 -14.89 -0.44
N GLY A 55 20.68 -14.21 0.37
CA GLY A 55 21.76 -14.87 1.07
C GLY A 55 21.21 -15.76 2.18
N ARG A 56 22.13 -16.25 3.00
CA ARG A 56 21.79 -17.11 4.12
C ARG A 56 20.69 -16.51 4.97
N ILE A 57 19.66 -17.32 5.27
CA ILE A 57 18.56 -16.84 6.08
C ILE A 57 19.05 -16.57 7.50
N SER A 58 18.72 -15.39 8.03
CA SER A 58 19.09 -15.00 9.37
C SER A 58 17.88 -14.93 10.29
N LEU A 59 16.87 -14.14 9.91
CA LEU A 59 15.63 -14.02 10.66
C LEU A 59 14.45 -14.32 9.75
N VAL A 60 13.45 -14.98 10.32
CA VAL A 60 12.10 -15.07 9.77
C VAL A 60 11.21 -14.34 10.76
N GLN A 61 10.51 -13.29 10.29
CA GLN A 61 9.65 -12.49 11.13
C GLN A 61 8.20 -12.90 10.90
N ALA A 62 7.43 -12.99 11.99
CA ALA A 62 6.06 -13.44 11.88
C ALA A 62 5.17 -12.64 12.82
N CYS A 63 4.03 -12.18 12.31
CA CYS A 63 3.10 -11.38 13.10
C CYS A 63 1.68 -11.77 12.71
N SER A 64 0.92 -12.28 13.67
CA SER A 64 -0.37 -12.88 13.37
C SER A 64 -1.49 -12.12 14.06
N ASP A 65 -2.72 -12.45 13.67
CA ASP A 65 -3.89 -11.87 14.32
C ASP A 65 -4.29 -12.61 15.58
N ALA A 66 -3.45 -13.52 16.07
CA ALA A 66 -3.77 -14.30 17.26
C ALA A 66 -3.18 -13.71 18.53
N LYS A 67 -2.21 -12.78 18.42
CA LYS A 67 -1.51 -12.29 19.59
C LYS A 67 -0.86 -10.97 19.20
N PRO A 68 -0.90 -9.95 20.04
CA PRO A 68 -0.29 -8.65 19.68
C PRO A 68 1.21 -8.65 19.92
N VAL A 69 1.92 -9.47 19.14
CA VAL A 69 3.35 -9.64 19.32
C VAL A 69 3.94 -9.99 17.96
N VAL A 70 5.16 -9.54 17.74
CA VAL A 70 5.92 -9.89 16.55
C VAL A 70 6.99 -10.88 16.97
N PHE A 71 6.93 -12.09 16.43
CA PHE A 71 7.98 -13.08 16.67
C PHE A 71 9.12 -12.88 15.68
N LEU A 72 10.34 -12.77 16.20
CA LEU A 72 11.55 -12.75 15.37
C LEU A 72 12.32 -14.04 15.61
N PHE A 73 12.14 -14.99 14.69
CA PHE A 73 12.78 -16.29 14.76
C PHE A 73 14.24 -16.17 14.32
N ASP A 74 15.17 -16.33 15.28
CA ASP A 74 16.60 -16.33 15.00
C ASP A 74 16.94 -17.68 14.37
N VAL A 75 16.57 -17.83 13.10
CA VAL A 75 16.87 -19.05 12.35
C VAL A 75 18.36 -19.34 12.34
N LEU A 76 19.21 -18.31 12.38
CA LEU A 76 20.65 -18.54 12.40
C LEU A 76 21.09 -19.27 13.68
N THR A 77 20.67 -18.81 14.82
CA THR A 77 20.97 -19.47 16.06
C THR A 77 20.29 -20.82 16.29
N LEU A 78 19.02 -20.88 16.02
CA LEU A 78 18.21 -22.05 16.19
C LEU A 78 18.61 -23.18 15.32
N THR A 79 18.95 -22.82 14.09
CA THR A 79 19.30 -23.63 12.90
C THR A 79 18.01 -23.92 12.14
N PRO A 80 18.08 -24.09 10.84
CA PRO A 80 16.91 -24.39 10.05
C PRO A 80 16.26 -25.71 10.44
N ASP A 81 17.04 -26.70 10.80
CA ASP A 81 16.46 -28.00 11.14
C ASP A 81 15.53 -27.88 12.35
N VAL A 82 16.00 -27.29 13.44
CA VAL A 82 15.12 -27.01 14.59
C VAL A 82 13.91 -26.21 14.13
N PHE A 83 14.14 -25.15 13.34
CA PHE A 83 13.07 -24.23 12.98
C PHE A 83 12.02 -24.90 12.10
N VAL A 84 12.45 -25.66 11.10
CA VAL A 84 11.52 -26.30 10.17
C VAL A 84 10.70 -27.37 10.88
N LYS A 85 11.31 -28.10 11.83
CA LYS A 85 10.59 -29.22 12.44
C LYS A 85 9.33 -28.73 13.15
N ASP A 86 9.38 -27.54 13.75
CA ASP A 86 8.23 -27.00 14.45
C ASP A 86 7.34 -26.09 13.59
N MSE A 87 7.82 -25.60 12.45
CA MSE A 87 7.08 -24.57 11.73
C MSE A 87 6.45 -25.09 10.45
O MSE A 87 5.59 -24.42 9.89
CB MSE A 87 8.00 -23.39 11.39
CG MSE A 87 8.35 -22.48 12.57
SE MSE A 87 6.84 -21.39 13.18
CE MSE A 87 6.66 -20.15 11.66
N GLN A 88 6.86 -26.27 9.98
CA GLN A 88 6.47 -26.65 8.63
C GLN A 88 4.99 -27.03 8.56
N SER A 89 4.44 -27.62 9.63
CA SER A 89 3.03 -28.00 9.58
C SER A 89 2.16 -26.76 9.51
N LEU A 90 2.50 -25.76 10.31
CA LEU A 90 1.80 -24.49 10.26
C LEU A 90 2.02 -23.79 8.93
N LEU A 91 3.25 -23.83 8.40
CA LEU A 91 3.48 -23.21 7.10
C LEU A 91 2.77 -23.95 5.98
N SER A 92 2.53 -25.24 6.15
CA SER A 92 1.80 -26.02 5.15
C SER A 92 0.30 -25.99 5.34
N ASP A 93 -0.19 -25.37 6.40
CA ASP A 93 -1.62 -25.35 6.67
C ASP A 93 -2.29 -24.31 5.78
N ARG A 94 -3.03 -24.76 4.77
CA ARG A 94 -3.66 -23.81 3.86
C ARG A 94 -4.85 -23.12 4.49
N GLU A 95 -5.27 -23.54 5.68
CA GLU A 95 -6.32 -22.81 6.37
C GLU A 95 -5.79 -21.58 7.11
N ILE A 96 -4.47 -21.45 7.26
CA ILE A 96 -3.86 -20.27 7.86
C ILE A 96 -3.25 -19.44 6.73
N ARG A 97 -3.80 -18.26 6.47
CA ARG A 97 -3.29 -17.41 5.40
C ARG A 97 -1.91 -16.89 5.75
N LYS A 98 -0.99 -16.95 4.79
CA LYS A 98 0.35 -16.38 4.97
C LYS A 98 0.46 -15.13 4.12
N LEU A 99 0.66 -13.99 4.76
CA LEU A 99 0.74 -12.72 4.06
C LEU A 99 2.19 -12.34 3.84
N PHE A 100 2.56 -12.14 2.58
CA PHE A 100 3.85 -11.59 2.19
C PHE A 100 3.62 -10.24 1.53
N PHE A 101 4.71 -9.48 1.42
CA PHE A 101 4.77 -8.33 0.53
C PHE A 101 5.91 -8.61 -0.43
N ASP A 102 5.58 -8.95 -1.68
CA ASP A 102 6.53 -9.52 -2.65
C ASP A 102 7.14 -10.81 -2.11
N CYS A 103 6.61 -11.95 -2.53
CA CYS A 103 6.97 -13.23 -1.95
C CYS A 103 8.06 -13.97 -2.73
N ARG A 104 8.48 -13.43 -3.88
CA ARG A 104 9.27 -14.18 -4.86
C ARG A 104 10.55 -14.74 -4.25
N ARG A 105 11.43 -13.85 -3.79
CA ARG A 105 12.70 -14.33 -3.25
C ARG A 105 12.53 -15.01 -1.89
N ASP A 106 11.55 -14.58 -1.09
CA ASP A 106 11.36 -15.21 0.21
C ASP A 106 10.95 -16.66 0.05
N VAL A 107 10.06 -16.92 -0.91
CA VAL A 107 9.60 -18.27 -1.17
C VAL A 107 10.72 -19.12 -1.77
N GLU A 108 11.53 -18.52 -2.64
CA GLU A 108 12.71 -19.21 -3.13
C GLU A 108 13.59 -19.66 -1.98
N ALA A 109 13.84 -18.76 -1.02
CA ALA A 109 14.74 -19.08 0.09
C ALA A 109 14.14 -20.16 0.99
N LEU A 110 12.86 -20.02 1.33
CA LEU A 110 12.18 -21.08 2.07
C LEU A 110 12.31 -22.42 1.36
N SER A 111 12.29 -22.44 0.03
CA SER A 111 12.37 -23.71 -0.66
C SER A 111 13.81 -24.23 -0.70
N CYS A 112 14.76 -23.38 -1.13
CA CYS A 112 16.16 -23.80 -1.23
C CYS A 112 16.76 -24.12 0.13
N GLN A 113 16.60 -23.21 1.09
CA GLN A 113 17.36 -23.25 2.34
C GLN A 113 16.65 -24.03 3.44
N LEU A 114 15.32 -24.01 3.46
CA LEU A 114 14.56 -24.74 4.46
C LEU A 114 13.89 -25.97 3.92
N GLY A 115 13.72 -26.08 2.60
CA GLY A 115 13.02 -27.20 2.04
C GLY A 115 11.52 -27.20 2.26
N VAL A 116 10.94 -26.04 2.53
CA VAL A 116 9.49 -25.94 2.74
C VAL A 116 8.89 -25.08 1.63
N LYS A 117 7.65 -25.37 1.31
CA LYS A 117 6.90 -24.56 0.35
C LYS A 117 5.58 -24.19 1.03
N PRO A 118 5.33 -22.91 1.28
CA PRO A 118 4.13 -22.52 2.04
C PRO A 118 2.88 -22.71 1.22
N GLU A 119 1.76 -22.84 1.92
CA GLU A 119 0.43 -22.96 1.37
C GLU A 119 -0.47 -21.90 2.00
N GLY A 120 -1.54 -21.56 1.30
CA GLY A 120 -2.38 -20.45 1.74
C GLY A 120 -1.69 -19.10 1.73
N VAL A 121 -0.85 -18.86 0.73
CA VAL A 121 -0.07 -17.64 0.62
C VAL A 121 -0.90 -16.58 -0.09
N LEU A 122 -0.74 -15.32 0.32
CA LEU A 122 -1.37 -14.17 -0.34
C LEU A 122 -0.35 -13.03 -0.37
N ASP A 123 0.02 -12.56 -1.57
CA ASP A 123 1.05 -11.53 -1.70
C ASP A 123 0.36 -10.18 -1.84
N LEU A 124 0.57 -9.28 -0.86
CA LEU A 124 -0.20 -8.03 -0.88
C LEU A 124 0.35 -7.02 -1.87
N GLN A 125 1.65 -7.03 -2.15
CA GLN A 125 2.15 -6.24 -3.26
C GLN A 125 1.45 -6.65 -4.54
N VAL A 126 1.30 -7.97 -4.75
CA VAL A 126 0.58 -8.46 -5.92
C VAL A 126 -0.88 -8.05 -5.83
N PHE A 127 -1.43 -8.03 -4.61
CA PHE A 127 -2.81 -7.57 -4.44
C PHE A 127 -2.94 -6.13 -4.91
N PHE A 128 -2.04 -5.25 -4.46
CA PHE A 128 -2.12 -3.85 -4.83
C PHE A 128 -2.00 -3.67 -6.35
N THR A 129 -1.06 -4.38 -6.98
CA THR A 129 -0.96 -4.30 -8.43
C THR A 129 -2.21 -4.85 -9.09
N ALA A 130 -2.82 -5.88 -8.50
CA ALA A 130 -4.05 -6.42 -9.08
C ALA A 130 -5.12 -5.35 -9.15
N ILE A 131 -5.21 -4.51 -8.11
CA ILE A 131 -6.18 -3.42 -8.13
C ILE A 131 -5.82 -2.41 -9.22
N GLN A 132 -4.53 -2.10 -9.36
CA GLN A 132 -4.13 -1.17 -10.41
C GLN A 132 -4.44 -1.73 -11.78
N TRP A 133 -4.25 -3.03 -11.97
CA TRP A 133 -4.48 -3.63 -13.27
C TRP A 133 -5.96 -3.56 -13.64
N LYS A 134 -6.83 -3.96 -12.71
CA LYS A 134 -8.28 -3.92 -12.93
C LYS A 134 -8.78 -2.51 -13.26
N LEU A 135 -8.21 -1.49 -12.61
CA LEU A 135 -8.70 -0.13 -12.81
C LEU A 135 -8.03 0.60 -13.96
N ARG A 136 -6.76 0.27 -14.28
CA ARG A 136 -5.98 1.09 -15.20
C ARG A 136 -5.10 0.32 -16.16
N SER A 137 -5.08 -1.01 -16.12
CA SER A 137 -4.13 -1.79 -16.92
C SER A 137 -2.67 -1.43 -16.58
N VAL A 138 -2.41 -1.05 -15.34
CA VAL A 138 -1.06 -0.85 -14.84
C VAL A 138 -0.62 -2.12 -14.12
N ASN A 139 0.60 -2.61 -14.44
CA ASN A 139 1.13 -3.83 -13.83
C ASN A 139 2.41 -3.55 -13.03
N ARG A 140 2.59 -2.35 -12.52
CA ARG A 140 3.80 -2.04 -11.77
C ARG A 140 3.71 -2.55 -10.34
N ARG A 141 4.85 -2.97 -9.81
CA ARG A 141 4.98 -3.26 -8.39
C ARG A 141 5.34 -1.96 -7.68
N SER A 142 4.68 -1.69 -6.56
CA SER A 142 5.02 -0.56 -5.70
C SER A 142 5.74 -1.08 -4.46
N GLY A 143 6.62 -0.24 -3.92
CA GLY A 143 7.26 -0.58 -2.67
C GLY A 143 6.32 -0.38 -1.50
N MSE A 144 6.72 -0.93 -0.36
CA MSE A 144 5.90 -0.87 0.85
C MSE A 144 5.69 0.58 1.26
O MSE A 144 4.58 0.96 1.65
CB MSE A 144 6.56 -1.66 1.99
CG MSE A 144 5.78 -1.60 3.32
SE MSE A 144 3.86 -2.10 3.17
CE MSE A 144 4.04 -4.01 3.60
N GLY A 145 6.75 1.38 1.17
CA GLY A 145 6.61 2.81 1.45
C GLY A 145 5.45 3.43 0.70
N TYR A 146 5.44 3.26 -0.63
CA TYR A 146 4.37 3.83 -1.45
C TYR A 146 3.00 3.29 -1.05
N VAL A 147 2.89 1.97 -0.86
CA VAL A 147 1.58 1.36 -0.66
C VAL A 147 0.99 1.78 0.68
N LEU A 148 1.81 1.80 1.73
CA LEU A 148 1.37 2.24 3.05
C LEU A 148 0.86 3.68 3.00
N LYS A 149 1.68 4.58 2.46
CA LYS A 149 1.25 5.97 2.32
C LYS A 149 -0.02 6.08 1.48
N SER A 150 -0.16 5.24 0.46
CA SER A 150 -1.33 5.35 -0.42
C SER A 150 -2.59 4.75 0.19
N VAL A 151 -2.47 3.68 0.98
CA VAL A 151 -3.63 2.95 1.48
C VAL A 151 -3.97 3.36 2.90
N ALA A 152 -2.95 3.70 3.69
CA ALA A 152 -3.20 4.03 5.10
C ALA A 152 -2.59 5.35 5.54
N GLY A 153 -2.02 6.13 4.64
CA GLY A 153 -1.55 7.44 5.01
C GLY A 153 -0.36 7.47 5.93
N LEU A 154 0.39 6.37 6.04
CA LEU A 154 1.51 6.30 6.96
C LEU A 154 2.84 6.36 6.21
N THR A 155 3.84 6.97 6.85
CA THR A 155 5.18 7.08 6.31
C THR A 155 6.04 5.93 6.81
N ARG A 156 6.57 5.12 5.88
CA ARG A 156 7.54 4.09 6.23
C ARG A 156 8.89 4.71 6.58
N GLN A 157 9.09 5.04 7.86
CA GLN A 157 10.27 5.76 8.29
C GLN A 157 11.50 4.87 8.48
N GLU A 158 11.33 3.54 8.40
CA GLU A 158 12.46 2.61 8.48
C GLU A 158 13.36 2.69 7.26
N GLY A 159 12.83 3.16 6.12
CA GLY A 159 13.66 3.35 4.94
C GLY A 159 14.74 4.41 5.10
N ASP A 160 14.62 5.27 6.11
CA ASP A 160 15.62 6.28 6.44
C ASP A 160 16.55 5.85 7.57
N SER A 161 16.39 4.63 8.08
CA SER A 161 17.15 4.16 9.23
C SER A 161 18.54 3.71 8.81
N ALA A 162 19.43 3.59 9.81
CA ALA A 162 20.82 3.21 9.55
C ALA A 162 20.91 1.81 8.96
N VAL A 163 20.06 0.89 9.42
CA VAL A 163 20.09 -0.47 8.90
C VAL A 163 19.81 -0.47 7.40
N GLN A 164 18.76 0.23 6.98
CA GLN A 164 18.36 0.23 5.58
C GLN A 164 19.49 0.74 4.68
N THR A 165 20.22 1.76 5.15
CA THR A 165 21.35 2.28 4.40
C THR A 165 22.52 1.28 4.40
N ALA A 166 22.72 0.56 5.51
CA ALA A 166 23.81 -0.41 5.56
C ALA A 166 23.69 -1.48 4.48
N MSE A 167 22.47 -1.88 4.12
CA MSE A 167 22.23 -2.85 3.03
C MSE A 167 22.31 -2.19 1.65
O MSE A 167 22.82 -2.81 0.71
CB MSE A 167 20.83 -3.55 3.12
CG MSE A 167 20.03 -3.51 4.45
SE MSE A 167 18.59 -4.88 4.56
CE MSE A 167 17.11 -4.13 3.53
N THR A 168 21.76 -0.99 1.51
CA THR A 168 21.90 -0.24 0.25
C THR A 168 23.37 -0.11 -0.11
N LEU A 169 24.23 0.10 0.89
CA LEU A 169 25.66 0.05 0.64
C LEU A 169 26.09 -1.34 0.17
N GLY A 170 25.52 -2.40 0.78
CA GLY A 170 25.71 -3.78 0.34
C GLY A 170 27.07 -4.37 0.61
N ASN A 171 27.93 -3.68 1.34
CA ASN A 171 29.31 -4.10 1.54
C ASN A 171 29.47 -5.18 2.60
N ARG A 172 28.38 -5.66 3.20
CA ARG A 172 28.45 -6.34 4.49
C ARG A 172 27.23 -7.27 4.59
N PRO A 173 27.38 -8.49 5.12
CA PRO A 173 26.17 -9.30 5.40
C PRO A 173 25.10 -8.59 6.20
N VAL A 174 25.50 -7.78 7.18
CA VAL A 174 24.62 -6.98 8.07
C VAL A 174 23.99 -7.88 9.11
N TRP A 175 23.20 -8.86 8.66
CA TRP A 175 22.33 -9.64 9.53
C TRP A 175 23.02 -10.85 10.15
N ASP A 176 24.34 -10.90 10.12
CA ASP A 176 25.05 -12.00 10.75
C ASP A 176 25.50 -11.66 12.16
N ILE A 177 25.33 -10.43 12.61
CA ILE A 177 25.78 -10.04 13.95
C ILE A 177 24.93 -10.73 15.00
N ARG A 178 25.58 -11.27 16.03
CA ARG A 178 24.90 -11.73 17.22
C ARG A 178 25.63 -11.22 18.46
N PRO A 179 24.91 -10.54 19.36
CA PRO A 179 23.46 -10.35 19.31
C PRO A 179 23.06 -9.20 18.40
N LEU A 180 21.87 -9.27 17.84
CA LEU A 180 21.43 -8.20 16.96
C LEU A 180 21.14 -6.94 17.78
N PRO A 181 21.64 -5.78 17.35
CA PRO A 181 21.27 -4.53 18.02
C PRO A 181 19.77 -4.25 17.97
N ASP A 182 19.33 -3.42 18.92
CA ASP A 182 17.90 -3.15 19.08
C ASP A 182 17.29 -2.56 17.82
N HIS A 183 17.97 -1.59 17.21
CA HIS A 183 17.40 -0.98 16.01
C HIS A 183 17.41 -1.94 14.83
N PHE A 184 18.21 -3.02 14.89
CA PHE A 184 18.12 -4.06 13.88
C PHE A 184 16.83 -4.85 14.03
N LEU A 185 16.52 -5.25 15.26
CA LEU A 185 15.32 -6.03 15.54
C LEU A 185 14.06 -5.19 15.31
N GLU A 186 14.05 -3.97 15.84
CA GLU A 186 12.94 -3.08 15.59
C GLU A 186 12.74 -2.83 14.10
N TYR A 187 13.83 -2.76 13.32
CA TYR A 187 13.68 -2.62 11.88
C TYR A 187 13.02 -3.84 11.28
N ALA A 188 13.42 -5.02 11.75
CA ALA A 188 12.91 -6.25 11.18
C ALA A 188 11.46 -6.49 11.56
N ALA A 189 11.06 -6.00 12.74
CA ALA A 189 9.67 -6.13 13.17
C ALA A 189 8.75 -5.26 12.32
N GLY A 190 9.23 -4.09 11.91
CA GLY A 190 8.36 -3.15 11.20
C GLY A 190 7.79 -3.72 9.92
N ASP A 191 8.61 -4.49 9.18
CA ASP A 191 8.14 -5.06 7.92
C ASP A 191 6.90 -5.94 8.14
N VAL A 192 6.93 -6.84 9.14
CA VAL A 192 5.75 -7.70 9.28
C VAL A 192 4.57 -6.92 9.87
N ARG A 193 4.84 -5.96 10.76
CA ARG A 193 3.77 -5.05 11.22
C ARG A 193 3.09 -4.35 10.07
N HIS A 194 3.87 -3.89 9.08
CA HIS A 194 3.24 -3.19 7.96
C HIS A 194 2.39 -4.14 7.15
N ILE A 195 2.83 -5.39 7.02
CA ILE A 195 2.10 -6.35 6.18
C ILE A 195 0.74 -6.67 6.79
N LEU A 196 0.71 -6.99 8.08
CA LEU A 196 -0.56 -7.30 8.72
C LEU A 196 -1.48 -6.08 8.75
N LEU A 197 -0.93 -4.91 9.08
CA LEU A 197 -1.75 -3.70 9.04
C LEU A 197 -2.35 -3.52 7.67
N LEU A 198 -1.55 -3.76 6.62
CA LEU A 198 -2.04 -3.56 5.27
C LEU A 198 -3.17 -4.52 4.93
N SER A 199 -3.07 -5.78 5.41
CA SER A 199 -4.12 -6.76 5.09
C SER A 199 -5.48 -6.34 5.63
N ASN A 200 -5.52 -5.52 6.69
CA ASN A 200 -6.81 -5.06 7.20
C ASN A 200 -7.50 -4.10 6.23
N TYR A 201 -6.74 -3.46 5.35
CA TYR A 201 -7.33 -2.60 4.32
C TYR A 201 -7.72 -3.36 3.06
N LEU A 202 -6.98 -4.40 2.69
CA LEU A 202 -7.19 -5.07 1.39
C LEU A 202 -8.08 -6.30 1.47
N VAL A 203 -7.98 -7.07 2.56
CA VAL A 203 -8.69 -8.33 2.71
C VAL A 203 -9.98 -8.09 3.48
N GLY A 204 -11.11 -8.53 2.92
CA GLY A 204 -12.40 -8.34 3.56
C GLY A 204 -12.89 -6.91 3.54
N ASN A 205 -12.74 -6.21 2.42
CA ASN A 205 -13.18 -4.83 2.26
C ASN A 205 -13.99 -4.72 0.97
N LYS A 206 -15.29 -4.43 1.09
CA LYS A 206 -16.16 -4.39 -0.07
C LYS A 206 -15.84 -3.26 -1.03
N ASP A 207 -15.01 -2.30 -0.64
CA ASP A 207 -14.59 -1.22 -1.51
C ASP A 207 -13.34 -1.57 -2.31
N VAL A 208 -12.85 -2.79 -2.22
CA VAL A 208 -11.70 -3.24 -2.98
C VAL A 208 -12.22 -3.97 -4.23
N PRO A 209 -11.81 -3.58 -5.42
CA PRO A 209 -12.47 -4.10 -6.63
C PRO A 209 -11.90 -5.41 -7.15
N VAL A 210 -11.19 -6.18 -6.33
CA VAL A 210 -10.69 -7.49 -6.73
C VAL A 210 -11.02 -8.51 -5.64
N ASP A 211 -11.42 -9.72 -6.03
CA ASP A 211 -11.65 -10.78 -5.07
C ASP A 211 -10.33 -11.29 -4.50
N VAL A 212 -10.29 -11.46 -3.18
CA VAL A 212 -9.11 -12.00 -2.51
C VAL A 212 -8.77 -13.36 -3.08
N VAL A 213 -9.79 -14.17 -3.37
CA VAL A 213 -9.56 -15.51 -3.86
C VAL A 213 -8.79 -15.46 -5.18
N ALA A 214 -9.09 -14.46 -6.01
CA ALA A 214 -8.41 -14.33 -7.29
C ALA A 214 -6.93 -14.00 -7.08
N VAL A 215 -6.63 -13.13 -6.10
CA VAL A 215 -5.24 -12.82 -5.80
C VAL A 215 -4.56 -14.00 -5.09
N GLU A 216 -5.31 -14.77 -4.30
CA GLU A 216 -4.77 -16.01 -3.78
C GLU A 216 -4.36 -16.94 -4.92
N ARG A 217 -5.17 -17.02 -5.97
CA ARG A 217 -4.83 -17.90 -7.08
C ARG A 217 -3.67 -17.35 -7.89
N LEU A 218 -3.57 -16.02 -8.00
CA LEU A 218 -2.42 -15.47 -8.71
C LEU A 218 -1.15 -15.67 -7.90
N THR A 219 -1.21 -15.42 -6.59
CA THR A 219 -0.05 -15.65 -5.72
C THR A 219 0.40 -17.10 -5.82
N ALA A 220 -0.55 -18.02 -5.84
CA ALA A 220 -0.22 -19.45 -5.92
C ALA A 220 0.63 -19.76 -7.14
N GLN A 221 0.40 -19.06 -8.26
CA GLN A 221 1.29 -19.19 -9.42
C GLN A 221 2.71 -18.78 -9.06
N TYR A 222 2.87 -17.66 -8.34
CA TYR A 222 4.21 -17.22 -7.95
C TYR A 222 4.91 -18.24 -7.07
N VAL A 223 4.17 -18.84 -6.14
CA VAL A 223 4.79 -19.84 -5.27
C VAL A 223 5.18 -21.07 -6.06
N GLU A 224 4.36 -21.50 -7.02
CA GLU A 224 4.74 -22.64 -7.85
C GLU A 224 5.98 -22.34 -8.67
N HIS A 225 6.09 -21.10 -9.16
CA HIS A 225 7.23 -20.74 -9.98
C HIS A 225 8.51 -20.61 -9.16
N TYR A 226 8.40 -20.17 -7.90
CA TYR A 226 9.59 -19.81 -7.14
C TYR A 226 9.99 -20.81 -6.07
N ALA A 227 9.14 -21.78 -5.75
CA ALA A 227 9.48 -22.81 -4.79
C ALA A 227 9.71 -24.11 -5.57
N VAL A 228 10.96 -24.33 -6.00
CA VAL A 228 11.27 -25.46 -6.87
C VAL A 228 12.47 -26.24 -6.35
N GLY A 229 12.93 -25.92 -5.14
CA GLY A 229 14.04 -26.63 -4.53
C GLY A 229 15.41 -26.23 -5.05
N LYS A 230 15.49 -25.39 -6.07
CA LYS A 230 16.73 -24.93 -6.65
C LYS A 230 16.58 -23.43 -6.84
N PRO A 231 17.67 -22.71 -7.09
CA PRO A 231 17.53 -21.29 -7.42
C PRO A 231 16.74 -21.14 -8.72
N VAL A 232 16.01 -20.04 -8.82
CA VAL A 232 15.20 -19.78 -10.00
C VAL A 232 16.01 -18.92 -10.96
N ILE A 233 16.27 -19.45 -12.15
CA ILE A 233 17.03 -18.69 -13.14
C ILE A 233 16.13 -17.79 -13.98
N THR A 234 14.96 -18.28 -14.39
CA THR A 234 14.05 -17.53 -15.24
C THR A 234 12.92 -16.94 -14.39
N GLU A 235 12.84 -15.61 -14.37
CA GLU A 235 11.86 -14.89 -13.56
C GLU A 235 10.47 -14.93 -14.20
N ALA A 236 9.45 -14.92 -13.34
CA ALA A 236 8.07 -14.94 -13.82
C ALA A 236 7.66 -13.63 -14.48
N ASP A 237 8.33 -12.54 -14.16
CA ASP A 237 7.96 -11.20 -14.62
C ASP A 237 9.05 -10.65 -15.53
N ALA A 238 8.64 -9.82 -16.49
CA ALA A 238 9.60 -9.28 -17.47
C ALA A 238 10.69 -8.46 -16.81
N THR A 239 10.35 -7.64 -15.81
CA THR A 239 11.31 -6.92 -14.98
C THR A 239 10.95 -7.11 -13.51
N PRO A 240 11.93 -6.94 -12.61
CA PRO A 240 11.65 -7.21 -11.18
C PRO A 240 10.50 -6.41 -10.63
N ALA A 241 10.22 -5.23 -11.18
CA ALA A 241 9.25 -4.30 -10.61
C ALA A 241 7.88 -4.37 -11.26
N GLU A 242 7.47 -5.53 -11.74
CA GLU A 242 6.16 -5.62 -12.37
C GLU A 242 5.61 -7.02 -12.20
N VAL A 243 4.37 -7.19 -12.63
CA VAL A 243 3.63 -8.44 -12.48
C VAL A 243 3.25 -8.92 -13.88
N ASN A 244 3.58 -10.18 -14.17
CA ASN A 244 3.24 -10.88 -15.40
C ASN A 244 1.84 -10.52 -15.89
N ARG A 245 1.74 -9.85 -17.05
CA ARG A 245 0.44 -9.39 -17.55
C ARG A 245 -0.45 -10.56 -17.95
N ALA A 246 0.13 -11.62 -18.50
CA ALA A 246 -0.70 -12.76 -18.89
C ALA A 246 -1.28 -13.46 -17.67
N TRP A 247 -0.53 -13.52 -16.55
CA TRP A 247 -1.10 -14.04 -15.32
C TRP A 247 -2.20 -13.12 -14.80
N LEU A 248 -1.93 -11.81 -14.80
CA LEU A 248 -2.95 -10.85 -14.39
C LEU A 248 -4.22 -11.04 -15.21
N GLU A 249 -4.07 -11.19 -16.54
CA GLU A 249 -5.23 -11.37 -17.40
C GLU A 249 -5.99 -12.65 -17.03
N ARG A 250 -5.27 -13.75 -16.81
CA ARG A 250 -5.91 -15.04 -16.50
C ARG A 250 -6.64 -14.99 -15.16
N TYR A 251 -6.03 -14.41 -14.15
CA TYR A 251 -6.57 -14.55 -12.80
C TYR A 251 -7.35 -13.33 -12.35
N ILE A 252 -7.01 -12.13 -12.83
CA ILE A 252 -7.67 -10.92 -12.36
C ILE A 252 -8.68 -10.46 -13.41
N GLY A 253 -8.40 -10.74 -14.67
CA GLY A 253 -9.31 -10.36 -15.71
C GLY A 253 -8.76 -9.28 -16.61
N PRO A 254 -9.55 -8.84 -17.57
CA PRO A 254 -9.10 -7.77 -18.46
C PRO A 254 -8.74 -6.53 -17.68
N GLY A 255 -7.68 -5.85 -18.14
CA GLY A 255 -7.28 -4.60 -17.51
C GLY A 255 -8.23 -3.47 -17.81
N GLY A 256 -8.35 -2.54 -16.87
CA GLY A 256 -9.27 -1.44 -17.02
C GLY A 256 -8.63 -0.21 -17.61
N GLY A 257 -9.41 0.85 -17.64
CA GLY A 257 -8.94 2.10 -18.19
C GLY A 257 -9.95 3.19 -17.93
N CYS A 258 -9.78 4.29 -18.67
CA CYS A 258 -10.54 5.52 -18.44
C CYS A 258 -11.84 5.48 -19.22
N HIS A 259 -12.97 5.41 -18.49
CA HIS A 259 -14.28 5.42 -19.12
C HIS A 259 -14.61 6.75 -19.79
N PHE A 260 -13.85 7.82 -19.52
CA PHE A 260 -14.15 9.11 -20.12
C PHE A 260 -13.46 9.30 -21.47
N CYS A 261 -12.13 9.14 -21.51
CA CYS A 261 -11.37 9.34 -22.75
C CYS A 261 -11.06 8.05 -23.50
N GLY A 262 -11.04 6.90 -22.84
CA GLY A 262 -10.75 5.64 -23.49
C GLY A 262 -9.37 5.05 -23.22
N ALA A 263 -8.44 5.82 -22.64
CA ALA A 263 -7.04 5.42 -22.55
C ALA A 263 -6.76 4.54 -21.35
N LYS A 264 -5.86 3.57 -21.53
CA LYS A 264 -5.38 2.82 -20.39
C LYS A 264 -4.40 3.68 -19.59
N GLY A 265 -4.17 3.29 -18.34
CA GLY A 265 -3.20 3.95 -17.51
C GLY A 265 -3.77 4.89 -16.47
N HIS A 266 -5.03 5.30 -16.61
CA HIS A 266 -5.63 6.12 -15.57
C HIS A 266 -7.12 5.86 -15.53
N THR A 267 -7.74 6.26 -14.42
CA THR A 267 -9.18 6.12 -14.23
C THR A 267 -9.87 7.45 -14.52
N GLU A 268 -11.20 7.38 -14.63
CA GLU A 268 -12.00 8.56 -14.91
C GLU A 268 -11.71 9.68 -13.93
N ALA A 269 -11.51 9.34 -12.66
CA ALA A 269 -11.28 10.34 -11.63
C ALA A 269 -9.91 10.99 -11.74
N GLU A 270 -8.98 10.41 -12.49
CA GLU A 270 -7.67 11.01 -12.73
C GLU A 270 -7.56 11.68 -14.09
N CYS A 271 -8.58 11.56 -14.93
CA CYS A 271 -8.47 11.98 -16.32
C CYS A 271 -8.32 13.50 -16.42
N PHE A 272 -7.24 13.96 -17.07
CA PHE A 272 -7.07 15.39 -17.31
C PHE A 272 -8.09 15.90 -18.32
N LYS A 273 -8.33 15.11 -19.38
CA LYS A 273 -9.31 15.53 -20.37
C LYS A 273 -10.68 15.81 -19.75
N LYS A 274 -11.02 15.10 -18.67
CA LYS A 274 -12.29 15.39 -18.00
C LYS A 274 -12.24 16.73 -17.29
N GLN A 275 -11.16 17.00 -16.55
CA GLN A 275 -11.07 18.23 -15.77
C GLN A 275 -10.81 19.47 -16.63
N ASN A 276 -10.17 19.32 -17.78
CA ASN A 276 -9.94 20.46 -18.66
C ASN A 276 -11.19 20.79 -19.47
N GLY A 277 -11.79 19.78 -20.10
CA GLY A 277 -12.98 19.98 -20.91
C GLY A 277 -14.19 20.41 -20.11
N LYS A 278 -14.03 20.49 -18.79
CA LYS A 278 -15.06 21.02 -17.91
C LYS A 278 -15.41 22.44 -18.32
N ALA A 279 -16.69 22.79 -18.14
CA ALA A 279 -17.15 24.14 -18.45
C ALA A 279 -16.57 25.14 -17.46
N LYS A 280 -15.98 26.23 -17.97
CA LYS A 280 -15.34 27.25 -17.16
C LYS A 280 -15.68 28.62 -17.71
N CYS A 281 -16.08 29.53 -16.81
CA CYS A 281 -16.64 30.83 -17.18
C CYS A 281 -15.55 31.83 -17.56
N SER A 282 -15.59 32.32 -18.80
CA SER A 282 -14.59 33.27 -19.27
C SER A 282 -14.72 34.65 -18.61
N PHE A 283 -15.77 34.90 -17.83
CA PHE A 283 -16.02 36.22 -17.27
C PHE A 283 -15.76 36.31 -15.77
N CYS A 284 -16.15 35.30 -15.00
CA CYS A 284 -15.89 35.28 -13.58
C CYS A 284 -14.89 34.21 -13.17
N GLY A 285 -14.41 33.39 -14.11
CA GLY A 285 -13.40 32.40 -13.81
C GLY A 285 -13.90 31.11 -13.18
N GLU A 286 -15.04 31.18 -12.48
CA GLU A 286 -15.61 30.00 -11.81
C GLU A 286 -15.81 28.88 -12.81
N VAL A 287 -15.60 27.65 -12.35
CA VAL A 287 -15.79 26.47 -13.17
C VAL A 287 -17.18 25.92 -12.89
N GLY A 288 -17.88 25.49 -13.95
CA GLY A 288 -19.23 24.99 -13.78
C GLY A 288 -20.26 25.60 -14.70
N HIS A 289 -19.96 26.74 -15.32
CA HIS A 289 -20.89 27.41 -16.22
C HIS A 289 -20.12 28.18 -17.27
N THR A 290 -20.72 28.34 -18.45
CA THR A 290 -20.16 29.20 -19.48
C THR A 290 -20.57 30.64 -19.23
N ALA A 291 -20.00 31.57 -20.01
CA ALA A 291 -20.31 32.99 -19.79
C ALA A 291 -21.74 33.34 -20.19
N ARG A 292 -22.31 32.61 -21.15
CA ARG A 292 -23.69 32.87 -21.56
C ARG A 292 -24.67 32.72 -20.40
N ASN A 293 -24.35 31.89 -19.40
CA ASN A 293 -25.21 31.69 -18.24
C ASN A 293 -24.61 32.23 -16.94
N CYS A 294 -23.66 33.17 -17.00
CA CYS A 294 -23.00 33.67 -15.81
C CYS A 294 -23.85 34.74 -15.12
N PHE A 295 -23.96 34.64 -13.79
CA PHE A 295 -24.78 35.58 -13.03
C PHE A 295 -24.08 36.91 -12.85
N LYS A 296 -22.75 36.93 -12.83
CA LYS A 296 -22.04 38.20 -12.73
C LYS A 296 -22.14 38.98 -14.03
N LYS A 297 -21.97 38.31 -15.17
CA LYS A 297 -22.08 39.00 -16.46
C LYS A 297 -23.52 39.31 -16.83
N HIS A 298 -24.46 38.46 -16.45
CA HIS A 298 -25.88 38.68 -16.76
C HIS A 298 -26.66 38.59 -15.47
N PRO A 299 -26.72 39.70 -14.72
CA PRO A 299 -27.40 39.66 -13.40
C PRO A 299 -28.90 39.52 -13.50
N GLN A 300 -29.48 39.66 -14.69
CA GLN A 300 -30.92 39.48 -14.83
C GLN A 300 -31.34 38.02 -14.59
N LEU A 301 -30.41 37.07 -14.64
CA LEU A 301 -30.75 35.68 -14.31
C LEU A 301 -31.01 35.48 -12.83
N LEU A 302 -30.92 36.53 -12.01
CA LEU A 302 -31.16 36.46 -10.58
C LEU A 302 -32.09 37.60 -10.18
N THR A 303 -33.32 37.27 -9.82
CA THR A 303 -34.17 38.20 -9.09
C THR A 303 -34.05 37.90 -7.61
N CYS A 304 -34.14 38.96 -6.80
CA CYS A 304 -33.83 38.83 -5.39
C CYS A 304 -35.03 38.40 -4.58
N GLU A 305 -34.81 37.51 -3.61
CA GLU A 305 -35.91 37.06 -2.76
C GLU A 305 -36.52 38.14 -1.86
N LYS A 306 -35.68 38.99 -1.27
CA LYS A 306 -36.16 40.02 -0.34
C LYS A 306 -36.09 41.53 -0.67
N CYS A 307 -35.73 41.94 -1.88
CA CYS A 307 -35.66 43.38 -2.13
C CYS A 307 -36.15 43.78 -3.52
N GLY A 308 -36.15 42.85 -4.47
CA GLY A 308 -36.57 43.16 -5.81
C GLY A 308 -35.52 43.87 -6.66
N GLN A 309 -34.27 43.42 -6.60
CA GLN A 309 -33.20 43.95 -7.45
C GLN A 309 -32.52 42.79 -8.15
N LEU A 310 -32.13 43.00 -9.41
CA LEU A 310 -31.53 41.95 -10.20
C LEU A 310 -30.04 41.82 -9.87
N GLY A 311 -29.60 40.59 -9.63
CA GLY A 311 -28.18 40.34 -9.45
C GLY A 311 -27.78 39.44 -8.29
N HIS A 312 -28.62 39.40 -7.24
CA HIS A 312 -28.26 38.69 -6.01
C HIS A 312 -29.46 37.95 -5.46
N THR A 313 -29.19 36.83 -4.79
CA THR A 313 -30.23 36.02 -4.17
C THR A 313 -30.48 36.53 -2.75
N GLY A 314 -31.20 35.72 -1.95
CA GLY A 314 -31.39 36.09 -0.56
C GLY A 314 -30.12 35.96 0.25
N THR A 315 -29.33 34.90 0.01
CA THR A 315 -28.09 34.60 0.74
C THR A 315 -26.97 35.63 0.49
N SER A 316 -27.24 36.75 -0.18
CA SER A 316 -26.20 37.73 -0.49
C SER A 316 -26.81 39.10 -0.77
N CYS A 317 -27.54 39.64 0.21
CA CYS A 317 -28.16 40.95 0.10
C CYS A 317 -27.37 42.03 0.84
N PHE A 318 -26.16 41.72 1.31
CA PHE A 318 -25.32 42.68 1.99
C PHE A 318 -24.57 43.55 0.99
N ARG A 319 -24.24 44.77 1.43
CA ARG A 319 -23.43 45.69 0.63
C ARG A 319 -21.95 45.42 0.90
N THR A 320 -21.22 45.02 -0.13
CA THR A 320 -19.81 44.68 0.00
C THR A 320 -18.86 45.74 -0.54
N ASN A 321 -19.33 46.60 -1.47
CA ASN A 321 -18.46 47.63 -2.06
C ASN A 321 -18.53 48.92 -1.23
N PRO A 322 -17.38 49.50 -0.91
CA PRO A 322 -17.26 50.72 -0.13
C PRO A 322 -17.71 51.99 -0.84
N CYS A 323 -17.86 53.06 -0.09
CA CYS A 323 -18.36 54.33 -0.62
C CYS A 323 -17.57 55.01 -1.72
N LYS A 324 -18.35 55.49 -2.69
CA LYS A 324 -17.92 56.18 -3.88
C LYS A 324 -17.19 57.45 -3.54
N HIS A 325 -17.70 58.14 -2.52
CA HIS A 325 -17.20 59.41 -2.03
C HIS A 325 -15.97 59.47 -1.10
N CYS A 326 -15.94 58.60 -0.09
CA CYS A 326 -14.92 58.55 0.95
C CYS A 326 -14.27 57.22 1.27
N GLY A 327 -14.86 56.15 0.77
CA GLY A 327 -14.42 54.80 1.04
C GLY A 327 -14.91 54.21 2.34
N GLY A 328 -15.84 54.89 3.00
CA GLY A 328 -16.41 54.51 4.29
C GLY A 328 -17.41 53.37 4.35
N PRO A 329 -17.76 52.94 5.56
CA PRO A 329 -18.65 51.80 5.77
C PRO A 329 -20.14 52.04 5.64
N HIS A 330 -20.51 52.30 4.42
CA HIS A 330 -21.88 52.49 3.96
C HIS A 330 -21.96 52.67 2.44
N SER A 331 -23.18 52.94 1.95
CA SER A 331 -23.47 53.08 0.53
C SER A 331 -23.31 54.54 0.11
N SER A 332 -23.18 54.74 -1.21
CA SER A 332 -22.80 56.04 -1.75
C SER A 332 -23.94 57.06 -1.65
N ALA A 333 -25.18 56.61 -1.81
CA ALA A 333 -26.30 57.56 -1.84
C ALA A 333 -26.48 58.25 -0.50
N ASN A 334 -26.21 57.55 0.61
CA ASN A 334 -26.41 58.08 1.95
C ASN A 334 -25.16 58.70 2.57
N CYS A 335 -24.06 58.83 1.80
CA CYS A 335 -22.89 59.57 2.29
C CYS A 335 -23.27 61.00 2.62
N HIS A 336 -22.76 61.49 3.75
CA HIS A 336 -23.15 62.83 4.21
C HIS A 336 -22.53 63.94 3.38
N LYS A 337 -21.65 63.60 2.42
CA LYS A 337 -21.04 64.58 1.53
C LYS A 337 -21.98 64.98 0.40
N VAL A 338 -22.84 64.06 -0.06
CA VAL A 338 -23.75 64.34 -1.18
C VAL A 338 -25.14 64.69 -0.65
N ILE A 339 -25.55 64.04 0.43
CA ILE A 339 -26.90 64.24 0.99
C ILE A 339 -27.03 65.63 1.62
ZN ZN B . -19.37 33.34 -14.64
ZN ZN C . -9.11 9.74 -19.43
ZN ZN D . 10.92 -29.33 18.47
ZN ZN E . 6.81 0.76 10.95
ZN ZN F . -19.22 58.27 2.17
ZN ZN G . -31.54 41.55 -1.95
MN MN H . 12.26 -7.06 5.55
MN MN I . 10.77 -9.00 2.47
MN MN J . -20.77 32.43 -9.20
MN MN K . 15.63 -2.68 0.14
MN MN L . -21.83 36.18 -22.44
MN MN M . -4.07 11.63 -21.62
P 5GP N . 12.94 -7.19 2.42
O1P 5GP N . 12.96 -5.68 2.46
O2P 5GP N . 12.28 -7.84 3.61
O3P 5GP N . 12.53 -7.78 1.09
O5' 5GP N . 14.48 -7.62 2.57
C5' 5GP N . 14.82 -9.00 2.65
C4' 5GP N . 16.29 -9.25 2.40
O4' 5GP N . 16.65 -8.82 1.06
C3' 5GP N . 17.28 -8.53 3.31
O3' 5GP N . 17.44 -9.12 4.58
C2' 5GP N . 18.55 -8.52 2.46
O2' 5GP N . 19.19 -9.79 2.52
C1' 5GP N . 17.98 -8.34 1.06
N9 5GP N . 17.95 -6.92 0.66
C8 5GP N . 16.89 -6.09 0.76
N7 5GP N . 17.24 -4.87 0.29
C5 5GP N . 18.52 -4.95 -0.10
C6 5GP N . 19.39 -4.03 -0.66
O6 5GP N . 18.98 -2.86 -0.86
N1 5GP N . 20.64 -4.41 -0.96
C2 5GP N . 21.07 -5.66 -0.73
N2 5GP N . 22.35 -6.00 -1.04
N3 5GP N . 20.25 -6.58 -0.18
C4 5GP N . 18.97 -6.24 0.13
C4' 5GP O . -23.48 26.80 -7.21
O4' 5GP O . -23.99 27.72 -8.17
C3' 5GP O . -22.47 25.93 -7.93
O3' 5GP O . -23.08 24.69 -8.29
C2' 5GP O . -22.17 26.63 -9.23
O2' 5GP O . -22.07 25.66 -10.29
C1' 5GP O . -23.38 27.54 -9.44
N9 5GP O . -22.91 28.84 -9.99
C8 5GP O . -22.00 29.66 -9.43
N7 5GP O . -21.86 30.75 -10.23
C5 5GP O . -22.68 30.60 -11.29
C6 5GP O . -22.97 31.37 -12.42
O6 5GP O . -22.40 32.47 -12.61
N1 5GP O . -23.87 30.93 -13.30
C2 5GP O . -24.50 29.76 -13.14
N2 5GP O . -25.40 29.35 -14.07
N3 5GP O . -24.25 28.99 -12.06
C4 5GP O . -23.35 29.39 -11.12
P 5GP P . 10.59 0.16 -7.03
O1P 5GP P . 9.70 0.97 -7.95
O2P 5GP P . 11.71 -0.56 -7.74
O3P 5GP P . 11.03 0.87 -5.77
O5' 5GP P . 9.65 -1.01 -6.48
C5' 5GP P . 9.90 -1.63 -5.23
C4' 5GP P . 9.55 -3.10 -5.25
O4' 5GP P . 9.81 -3.65 -6.57
C3' 5GP P . 10.35 -3.99 -4.30
O3' 5GP P . 9.81 -4.06 -2.99
C2' 5GP P . 10.36 -5.33 -5.01
O2' 5GP P . 9.13 -6.03 -4.81
C1' 5GP P . 10.45 -4.90 -6.47
N9 5GP P . 11.85 -4.73 -6.92
C8 5GP P . 12.30 -3.69 -7.65
N7 5GP P . 13.62 -3.83 -7.89
C5 5GP P . 14.01 -4.98 -7.30
C6 5GP P . 15.24 -5.64 -7.21
O6 5GP P . 16.24 -5.13 -7.76
N1 5GP P . 15.32 -6.80 -6.54
C2 5GP P . 14.24 -7.34 -5.95
N2 5GP P . 14.34 -8.52 -5.27
N3 5GP P . 13.04 -6.73 -6.02
C4 5GP P . 12.89 -5.55 -6.69
C1' 5GP Q . 0.24 9.38 -17.65
N9 5GP Q . -1.08 9.96 -18.02
C8 5GP Q . -1.49 10.16 -19.27
N7 5GP Q . -2.73 10.67 -19.31
C5 5GP Q . -3.12 10.83 -18.05
C6 5GP Q . -4.33 11.32 -17.37
O6 5GP Q . -5.29 11.76 -18.01
N1 5GP Q . -4.37 11.29 -16.07
C2 5GP Q . -3.35 10.85 -15.34
N2 5GP Q . -3.48 10.89 -14.01
N3 5GP Q . -2.20 10.38 -15.87
C4 5GP Q . -2.03 10.35 -17.21
#